data_5VF5
#
_entry.id   5VF5
#
_cell.length_a   119.330
_cell.length_b   119.330
_cell.length_c   158.190
_cell.angle_alpha   90.00
_cell.angle_beta   90.00
_cell.angle_gamma   120.00
#
_symmetry.space_group_name_H-M   'H 3 2'
#
loop_
_entity.id
_entity.type
_entity.pdbx_description
1 polymer 'SM80.1 Vicilin'
2 non-polymer 'SODIUM ION'
3 non-polymer 'ACETATE ION'
4 non-polymer 'COPPER (II) ION'
5 non-polymer DI(HYDROXYETHYL)ETHER
6 non-polymer 'MALONATE ION'
7 water water
#
_entity_poly.entity_id   1
_entity_poly.type   'polypeptide(L)'
_entity_poly.pdbx_seq_one_letter_code
;PGREQQEENVPYLFKSQRFQSRFRASHGDFRILPKFTQRSQLLRGIEKFRVSVIELEPQSFMLPHH(CSD)DGEAIFVVV
RGQGTISIAEQDEKNSFNLERGDVLRLHGGSTIHLLNRDNNEKFFVYVLAKSVNAPGQVQEYFSAGGENPESFYRAFSSD
ILESAFNTQRDRIERLFRQQKQGAIIKASEEQIRAISEHASRSTQQTRGRTQGPFNLMKERPQFGSRFGQFIEASPERFE
QLRDLDAAVAFMNINQGGMVLPYYNSRSTRVVMVVEGNARFEMACPHLGRQGRGQGGEQEQEQEEGEVHYQKVRGNLNVG
DVLVIPAGHPITFIATGGSNFRVVGFGINAMFNRKNFLAGRENIWRNIDREAKELSFNMPGREVEEIFQKQDQSYFVAGP
EHRQQQPGERGEEGRKGQDQYLSSILDFVF
;
_entity_poly.pdbx_strand_id   A
#
loop_
_chem_comp.id
_chem_comp.type
_chem_comp.name
_chem_comp.formula
ACT non-polymer 'ACETATE ION' 'C2 H3 O2 -1'
CU non-polymer 'COPPER (II) ION' 'Cu 2'
MLI non-polymer 'MALONATE ION' 'C3 H2 O4 -2'
NA non-polymer 'SODIUM ION' 'Na 1'
PEG non-polymer DI(HYDROXYETHYL)ETHER 'C4 H10 O3'
#
# COMPACT_ATOMS: atom_id res chain seq x y z
N GLN A 5 5.73 -18.19 14.94
CA GLN A 5 5.28 -18.61 16.32
C GLN A 5 4.99 -17.38 17.20
N GLN A 6 6.00 -16.84 17.92
CA GLN A 6 5.82 -15.61 18.74
C GLN A 6 5.28 -14.40 17.94
N GLU A 7 5.70 -14.29 16.68
CA GLU A 7 5.31 -13.15 15.83
C GLU A 7 3.78 -13.19 15.54
N GLU A 8 3.15 -14.38 15.65
CA GLU A 8 1.67 -14.50 15.59
C GLU A 8 0.94 -13.77 16.72
N ASN A 9 1.68 -13.39 17.78
CA ASN A 9 1.14 -12.61 18.90
C ASN A 9 1.44 -11.10 18.88
N VAL A 10 2.15 -10.60 17.86
CA VAL A 10 2.38 -9.15 17.65
C VAL A 10 1.24 -8.67 16.78
N PRO A 11 0.29 -7.92 17.36
CA PRO A 11 -0.96 -7.67 16.68
C PRO A 11 -0.80 -6.73 15.48
N TYR A 12 0.28 -5.97 15.45
CA TYR A 12 0.52 -5.05 14.38
C TYR A 12 1.14 -5.66 13.14
N LEU A 13 1.65 -6.88 13.23
CA LEU A 13 2.34 -7.56 12.16
C LEU A 13 1.39 -8.50 11.43
N PHE A 14 1.35 -8.40 10.11
CA PHE A 14 0.47 -9.21 9.27
C PHE A 14 1.36 -9.84 8.22
N LYS A 15 1.74 -11.09 8.45
CA LYS A 15 2.58 -11.79 7.51
C LYS A 15 1.88 -11.96 6.13
N SER A 16 2.70 -12.08 5.09
CA SER A 16 2.17 -12.17 3.74
CA SER A 16 2.20 -12.21 3.71
C SER A 16 1.15 -13.31 3.57
N GLN A 17 1.36 -14.40 4.28
CA GLN A 17 0.47 -15.56 4.16
CA GLN A 17 0.45 -15.54 4.11
C GLN A 17 -0.95 -15.27 4.64
N ARG A 18 -1.12 -14.18 5.42
CA ARG A 18 -2.46 -13.81 5.88
C ARG A 18 -3.32 -13.17 4.83
N PHE A 19 -2.72 -12.72 3.74
CA PHE A 19 -3.51 -12.23 2.62
C PHE A 19 -4.28 -13.41 2.01
N GLN A 20 -5.58 -13.23 1.77
CA GLN A 20 -6.45 -14.31 1.27
C GLN A 20 -6.85 -14.06 -0.17
N SER A 21 -6.61 -15.01 -1.08
CA SER A 21 -7.07 -14.85 -2.47
C SER A 21 -8.58 -14.81 -2.52
N ARG A 22 -9.11 -13.85 -3.26
CA ARG A 22 -10.55 -13.72 -3.45
C ARG A 22 -11.13 -14.63 -4.53
N PHE A 23 -10.25 -15.14 -5.37
CA PHE A 23 -10.64 -16.07 -6.44
C PHE A 23 -9.44 -16.87 -6.87
N ARG A 24 -9.71 -17.93 -7.65
CA ARG A 24 -8.67 -18.76 -8.22
CA ARG A 24 -8.64 -18.76 -8.21
C ARG A 24 -8.51 -18.38 -9.66
N ALA A 25 -7.43 -17.67 -9.98
CA ALA A 25 -7.21 -17.21 -11.33
C ALA A 25 -5.93 -17.77 -11.90
N SER A 26 -5.96 -18.13 -13.18
CA SER A 26 -4.78 -18.68 -13.80
C SER A 26 -3.67 -17.66 -13.99
N HIS A 27 -4.02 -16.43 -14.39
CA HIS A 27 -3.03 -15.48 -14.83
C HIS A 27 -2.72 -14.35 -13.85
N GLY A 28 -3.01 -14.57 -12.59
CA GLY A 28 -2.64 -13.63 -11.56
C GLY A 28 -3.36 -13.95 -10.28
N ASP A 29 -3.46 -12.94 -9.42
CA ASP A 29 -4.11 -13.10 -8.14
C ASP A 29 -4.58 -11.75 -7.63
N PHE A 30 -5.59 -11.81 -6.78
CA PHE A 30 -6.06 -10.68 -6.00
C PHE A 30 -6.22 -11.22 -4.60
N ARG A 31 -5.43 -10.70 -3.66
CA ARG A 31 -5.48 -11.18 -2.30
C ARG A 31 -5.60 -10.03 -1.35
N ILE A 32 -6.39 -10.21 -0.32
CA ILE A 32 -6.75 -9.14 0.58
C ILE A 32 -6.51 -9.57 2.01
N LEU A 33 -5.93 -8.67 2.78
CA LEU A 33 -5.71 -8.92 4.21
C LEU A 33 -7.06 -8.90 4.92
N PRO A 34 -7.24 -9.71 5.99
CA PRO A 34 -8.46 -9.58 6.77
C PRO A 34 -8.67 -8.18 7.35
N LYS A 35 -9.86 -7.91 7.83
CA LYS A 35 -10.08 -6.68 8.57
C LYS A 35 -9.04 -6.53 9.66
N PHE A 36 -8.59 -5.31 9.91
CA PHE A 36 -7.51 -5.13 10.88
C PHE A 36 -7.88 -5.50 12.32
N THR A 37 -9.15 -5.45 12.60
CA THR A 37 -9.71 -5.83 13.89
C THR A 37 -9.91 -7.34 14.06
N GLN A 38 -9.56 -8.14 13.05
CA GLN A 38 -9.70 -9.62 13.15
C GLN A 38 -9.13 -10.21 14.42
N ARG A 39 -7.94 -9.83 14.82
CA ARG A 39 -7.30 -10.39 16.04
C ARG A 39 -7.05 -9.40 17.15
N SER A 40 -7.31 -8.11 16.93
CA SER A 40 -7.07 -7.11 17.97
C SER A 40 -7.93 -5.83 17.81
N GLN A 41 -8.52 -5.43 18.92
CA GLN A 41 -9.25 -4.18 18.97
C GLN A 41 -8.34 -2.99 19.01
N LEU A 42 -7.01 -3.18 19.12
CA LEU A 42 -6.08 -2.05 19.09
C LEU A 42 -6.12 -1.35 17.74
N LEU A 43 -6.56 -2.07 16.71
CA LEU A 43 -6.67 -1.53 15.35
C LEU A 43 -8.07 -1.03 14.96
N ARG A 44 -8.95 -0.84 15.94
CA ARG A 44 -10.30 -0.31 15.69
CA ARG A 44 -10.30 -0.36 15.63
C ARG A 44 -10.34 1.06 14.96
N GLY A 45 -9.28 1.83 15.22
CA GLY A 45 -9.15 3.16 14.61
C GLY A 45 -8.97 3.16 13.10
N ILE A 46 -8.64 2.00 12.53
CA ILE A 46 -8.50 1.83 11.09
C ILE A 46 -9.42 0.75 10.53
N GLU A 47 -10.48 0.42 11.27
CA GLU A 47 -11.38 -0.69 10.90
CA GLU A 47 -11.32 -0.73 10.88
C GLU A 47 -11.98 -0.64 9.47
N LYS A 48 -12.15 0.61 8.98
CA LYS A 48 -12.78 0.76 7.67
C LYS A 48 -11.86 0.46 6.50
N PHE A 49 -10.56 0.33 6.78
CA PHE A 49 -9.57 0.24 5.72
C PHE A 49 -9.15 -1.22 5.49
N ARG A 50 -8.90 -1.56 4.23
CA ARG A 50 -8.35 -2.85 3.87
C ARG A 50 -7.15 -2.63 2.99
N VAL A 51 -6.19 -3.54 3.02
CA VAL A 51 -5.13 -3.55 2.04
C VAL A 51 -5.13 -4.84 1.28
N SER A 52 -4.71 -4.75 0.02
CA SER A 52 -4.69 -5.91 -0.86
CA SER A 52 -4.74 -5.87 -0.93
C SER A 52 -3.57 -5.79 -1.88
N VAL A 53 -3.36 -6.87 -2.60
CA VAL A 53 -2.38 -6.93 -3.67
C VAL A 53 -3.08 -7.51 -4.91
N ILE A 54 -2.82 -6.88 -6.07
CA ILE A 54 -3.19 -7.40 -7.37
C ILE A 54 -1.90 -7.75 -8.09
N GLU A 55 -1.84 -8.95 -8.64
CA GLU A 55 -0.71 -9.44 -9.41
C GLU A 55 -1.24 -9.93 -10.75
N LEU A 56 -0.67 -9.41 -11.85
CA LEU A 56 -1.00 -9.89 -13.19
C LEU A 56 0.29 -10.49 -13.78
N GLU A 57 0.18 -11.72 -14.24
CA GLU A 57 1.25 -12.31 -15.05
C GLU A 57 1.41 -11.57 -16.36
N PRO A 58 2.56 -11.75 -17.03
CA PRO A 58 2.67 -11.18 -18.37
C PRO A 58 1.50 -11.58 -19.28
N GLN A 59 1.14 -10.67 -20.18
CA GLN A 59 0.14 -10.93 -21.24
C GLN A 59 -1.15 -11.45 -20.61
N SER A 60 -1.68 -10.67 -19.67
CA SER A 60 -2.85 -11.07 -18.91
C SER A 60 -3.86 -9.91 -18.79
N PHE A 61 -5.11 -10.28 -18.51
CA PHE A 61 -6.25 -9.37 -18.50
C PHE A 61 -7.15 -9.72 -17.30
N MET A 62 -7.41 -8.73 -16.45
CA MET A 62 -8.38 -8.87 -15.36
C MET A 62 -9.73 -8.34 -15.81
N LEU A 63 -10.76 -9.15 -15.67
CA LEU A 63 -12.09 -8.87 -16.18
C LEU A 63 -12.75 -7.66 -15.50
N PRO A 64 -13.61 -6.95 -16.25
CA PRO A 64 -14.36 -5.83 -15.69
C PRO A 64 -15.11 -6.13 -14.40
N HIS A 65 -14.93 -5.23 -13.42
CA HIS A 65 -15.60 -5.35 -12.14
C HIS A 65 -15.53 -4.00 -11.45
N HIS A 66 -16.36 -3.80 -10.45
CA HIS A 66 -16.24 -2.64 -9.57
C HIS A 66 -16.15 -3.12 -8.14
N CSD A 67 -15.76 -2.20 -7.27
CA CSD A 67 -15.82 -2.50 -5.84
CA CSD A 67 -15.73 -2.45 -5.82
CB CSD A 67 -14.48 -2.84 -5.21
CB CSD A 67 -14.30 -2.47 -5.27
SG CSD A 67 -13.60 -1.46 -5.10
SG CSD A 67 -13.39 -3.72 -5.95
C CSD A 67 -16.56 -1.40 -5.07
O CSD A 67 -16.87 -0.29 -5.56
OD1 CSD A 67 -12.48 -3.10 -6.86
OD2 CSD A 67 -12.69 -4.44 -4.92
N ASP A 68 -16.99 -1.79 -3.88
CA ASP A 68 -17.74 -0.85 -3.06
C ASP A 68 -16.84 -0.18 -2.04
N GLY A 69 -15.57 -0.01 -2.38
CA GLY A 69 -14.65 0.78 -1.56
C GLY A 69 -13.97 1.82 -2.40
N GLU A 70 -13.66 2.94 -1.79
CA GLU A 70 -12.82 3.96 -2.38
C GLU A 70 -11.37 3.48 -2.28
N ALA A 71 -10.60 3.54 -3.35
CA ALA A 71 -9.30 2.91 -3.39
C ALA A 71 -8.19 3.84 -3.79
N ILE A 72 -7.00 3.47 -3.41
CA ILE A 72 -5.76 4.04 -3.93
C ILE A 72 -4.91 2.88 -4.42
N PHE A 73 -4.55 2.90 -5.70
CA PHE A 73 -3.69 1.90 -6.31
C PHE A 73 -2.28 2.46 -6.37
N VAL A 74 -1.29 1.67 -5.99
CA VAL A 74 0.11 2.03 -6.09
C VAL A 74 0.85 0.94 -6.82
N VAL A 75 1.46 1.26 -7.96
CA VAL A 75 2.18 0.26 -8.72
C VAL A 75 3.56 0.02 -8.10
N VAL A 76 3.79 -1.23 -7.68
CA VAL A 76 5.04 -1.65 -7.03
CA VAL A 76 5.06 -1.54 -7.06
C VAL A 76 6.04 -2.26 -7.99
N ARG A 77 5.54 -2.87 -9.08
CA ARG A 77 6.41 -3.56 -10.04
CA ARG A 77 6.39 -3.63 -10.02
C ARG A 77 5.72 -3.60 -11.38
N GLY A 78 6.50 -3.46 -12.43
CA GLY A 78 5.97 -3.66 -13.77
C GLY A 78 5.17 -2.54 -14.36
N GLN A 79 4.40 -2.89 -15.38
CA GLN A 79 3.63 -1.92 -16.13
C GLN A 79 2.30 -2.56 -16.48
N GLY A 80 1.25 -1.76 -16.45
CA GLY A 80 -0.10 -2.28 -16.74
C GLY A 80 -1.02 -1.16 -17.12
N THR A 81 -2.06 -1.49 -17.88
CA THR A 81 -3.00 -0.50 -18.31
C THR A 81 -4.29 -0.68 -17.52
N ILE A 82 -4.78 0.39 -16.91
CA ILE A 82 -6.08 0.41 -16.25
C ILE A 82 -7.07 1.10 -17.14
N SER A 83 -8.22 0.51 -17.34
CA SER A 83 -9.31 1.09 -18.05
CA SER A 83 -9.31 1.14 -18.06
C SER A 83 -10.50 1.29 -17.12
N ILE A 84 -11.05 2.48 -17.05
CA ILE A 84 -12.09 2.86 -16.12
C ILE A 84 -13.33 3.27 -16.93
N ALA A 85 -14.44 2.61 -16.70
CA ALA A 85 -15.70 2.82 -17.38
C ALA A 85 -16.72 3.40 -16.40
N GLU A 86 -17.11 4.63 -16.57
CA GLU A 86 -18.17 5.22 -15.79
C GLU A 86 -19.40 5.29 -16.67
N GLN A 87 -20.50 5.77 -16.14
CA GLN A 87 -21.74 5.90 -16.92
C GLN A 87 -21.56 6.80 -18.13
N ASP A 88 -20.77 7.83 -17.97
CA ASP A 88 -20.66 8.89 -18.99
C ASP A 88 -19.24 9.28 -19.40
N GLU A 89 -18.28 8.40 -19.13
CA GLU A 89 -16.86 8.73 -19.37
C GLU A 89 -16.02 7.45 -19.38
N LYS A 90 -14.96 7.47 -20.19
CA LYS A 90 -13.98 6.41 -20.26
C LYS A 90 -12.62 7.02 -20.00
N ASN A 91 -11.81 6.37 -19.18
CA ASN A 91 -10.44 6.75 -19.01
C ASN A 91 -9.56 5.54 -19.07
N SER A 92 -8.42 5.62 -19.70
CA SER A 92 -7.43 4.57 -19.63
C SER A 92 -6.04 5.12 -19.41
N PHE A 93 -5.29 4.49 -18.53
CA PHE A 93 -3.98 4.96 -18.16
C PHE A 93 -2.97 3.86 -18.22
N ASN A 94 -1.79 4.14 -18.77
CA ASN A 94 -0.71 3.17 -18.84
C ASN A 94 0.16 3.42 -17.63
N LEU A 95 0.04 2.56 -16.64
CA LEU A 95 0.68 2.73 -15.35
C LEU A 95 2.05 2.09 -15.31
N GLU A 96 2.92 2.70 -14.53
CA GLU A 96 4.31 2.28 -14.37
C GLU A 96 4.68 2.33 -12.88
N ARG A 97 5.83 1.76 -12.57
CA ARG A 97 6.29 1.66 -11.19
C ARG A 97 6.31 3.02 -10.52
N GLY A 98 5.73 3.11 -9.34
CA GLY A 98 5.64 4.31 -8.57
C GLY A 98 4.39 5.14 -8.79
N ASP A 99 3.60 4.78 -9.80
CA ASP A 99 2.36 5.52 -10.05
C ASP A 99 1.36 5.28 -8.93
N VAL A 100 0.68 6.35 -8.56
CA VAL A 100 -0.39 6.39 -7.60
C VAL A 100 -1.65 6.84 -8.26
N LEU A 101 -2.77 6.11 -8.08
CA LEU A 101 -4.03 6.41 -8.72
C LEU A 101 -5.13 6.31 -7.72
N ARG A 102 -5.89 7.38 -7.51
CA ARG A 102 -7.13 7.32 -6.72
C ARG A 102 -8.24 6.82 -7.64
N LEU A 103 -8.91 5.75 -7.20
CA LEU A 103 -10.02 5.17 -7.93
C LEU A 103 -11.30 5.33 -7.10
N HIS A 104 -12.25 6.05 -7.63
CA HIS A 104 -13.52 6.23 -6.96
C HIS A 104 -14.24 4.89 -6.79
N GLY A 105 -14.88 4.74 -5.67
CA GLY A 105 -15.72 3.57 -5.44
C GLY A 105 -16.74 3.43 -6.52
N GLY A 106 -17.02 2.20 -6.93
CA GLY A 106 -18.00 1.98 -7.98
C GLY A 106 -17.55 2.18 -9.40
N SER A 107 -16.26 2.46 -9.59
CA SER A 107 -15.74 2.58 -10.93
C SER A 107 -15.52 1.15 -11.47
N THR A 108 -16.08 0.88 -12.63
CA THR A 108 -15.82 -0.39 -13.34
C THR A 108 -14.47 -0.35 -14.00
N ILE A 109 -13.59 -1.23 -13.59
CA ILE A 109 -12.26 -1.28 -14.11
C ILE A 109 -11.90 -2.63 -14.72
N HIS A 110 -10.99 -2.59 -15.67
CA HIS A 110 -10.27 -3.76 -16.11
C HIS A 110 -8.80 -3.46 -16.21
N LEU A 111 -7.97 -4.50 -16.14
CA LEU A 111 -6.51 -4.32 -16.11
C LEU A 111 -5.86 -5.20 -17.15
N LEU A 112 -4.79 -4.70 -17.74
CA LEU A 112 -4.05 -5.41 -18.77
C LEU A 112 -2.56 -5.32 -18.50
N ASN A 113 -1.88 -6.44 -18.47
CA ASN A 113 -0.43 -6.45 -18.44
C ASN A 113 -0.02 -6.86 -19.86
N ARG A 114 0.55 -5.90 -20.60
CA ARG A 114 0.93 -6.07 -21.99
C ARG A 114 2.34 -6.63 -22.11
N ASP A 115 3.09 -6.66 -21.02
CA ASP A 115 4.50 -7.05 -21.12
C ASP A 115 4.62 -8.53 -21.36
N ASN A 116 5.68 -8.93 -22.05
CA ASN A 116 5.87 -10.36 -22.36
C ASN A 116 6.57 -11.11 -21.27
N ASN A 117 7.17 -10.41 -20.31
CA ASN A 117 8.01 -11.07 -19.31
C ASN A 117 7.83 -10.66 -17.85
N GLU A 118 7.52 -9.40 -17.60
CA GLU A 118 7.51 -8.85 -16.24
CA GLU A 118 7.51 -8.83 -16.24
C GLU A 118 6.09 -8.87 -15.66
N LYS A 119 5.96 -9.36 -14.44
CA LYS A 119 4.68 -9.27 -13.70
C LYS A 119 4.36 -7.81 -13.36
N PHE A 120 3.07 -7.53 -13.24
CA PHE A 120 2.53 -6.22 -12.81
C PHE A 120 1.93 -6.38 -11.44
N PHE A 121 2.42 -5.61 -10.46
CA PHE A 121 2.06 -5.78 -9.07
CA PHE A 121 2.03 -5.78 -9.05
C PHE A 121 1.56 -4.43 -8.55
N VAL A 122 0.36 -4.43 -7.94
CA VAL A 122 -0.25 -3.23 -7.39
C VAL A 122 -0.56 -3.48 -5.91
N TYR A 123 -0.18 -2.53 -5.05
CA TYR A 123 -0.60 -2.47 -3.65
CA TYR A 123 -0.61 -2.52 -3.68
C TYR A 123 -1.79 -1.53 -3.54
N VAL A 124 -2.86 -1.95 -2.90
CA VAL A 124 -4.13 -1.24 -2.87
C VAL A 124 -4.57 -0.97 -1.47
N LEU A 125 -5.00 0.26 -1.20
CA LEU A 125 -5.71 0.65 0.02
C LEU A 125 -7.16 0.85 -0.38
N ALA A 126 -8.13 0.29 0.36
CA ALA A 126 -9.53 0.60 0.11
C ALA A 126 -10.20 0.96 1.42
N LYS A 127 -11.18 1.84 1.34
CA LYS A 127 -11.98 2.19 2.48
C LYS A 127 -13.45 1.82 2.23
N SER A 128 -14.06 1.15 3.18
CA SER A 128 -15.46 0.76 3.04
C SER A 128 -16.39 1.95 3.03
N VAL A 129 -17.52 1.75 2.34
CA VAL A 129 -18.69 2.64 2.46
C VAL A 129 -19.93 1.94 2.93
N ASN A 130 -19.93 0.60 2.98
CA ASN A 130 -21.02 -0.20 3.52
C ASN A 130 -20.70 -0.59 4.95
N ALA A 131 -20.78 -1.87 5.34
CA ALA A 131 -20.43 -2.19 6.71
C ALA A 131 -18.92 -1.91 6.92
N PRO A 132 -18.53 -1.45 8.11
CA PRO A 132 -17.14 -1.07 8.31
C PRO A 132 -16.16 -2.17 7.96
N GLY A 133 -15.24 -1.79 7.07
CA GLY A 133 -14.17 -2.72 6.68
C GLY A 133 -14.57 -3.73 5.63
N GLN A 134 -15.83 -3.79 5.22
CA GLN A 134 -16.29 -4.78 4.24
CA GLN A 134 -16.23 -4.78 4.25
C GLN A 134 -16.14 -4.17 2.85
N VAL A 135 -15.27 -4.74 2.03
CA VAL A 135 -15.08 -4.30 0.64
C VAL A 135 -15.18 -5.53 -0.26
N GLN A 136 -16.14 -5.47 -1.18
CA GLN A 136 -16.49 -6.56 -2.05
C GLN A 136 -16.30 -6.19 -3.50
N GLU A 137 -16.04 -7.21 -4.32
CA GLU A 137 -15.92 -7.07 -5.79
CA GLU A 137 -15.92 -7.07 -5.76
C GLU A 137 -17.22 -7.51 -6.46
N TYR A 138 -17.58 -6.78 -7.49
CA TYR A 138 -18.78 -7.00 -8.25
C TYR A 138 -18.42 -7.21 -9.69
N PHE A 139 -18.40 -8.46 -10.15
CA PHE A 139 -18.06 -8.78 -11.52
C PHE A 139 -19.25 -8.63 -12.46
N SER A 140 -19.15 -7.59 -13.28
CA SER A 140 -20.10 -7.34 -14.36
C SER A 140 -19.77 -8.30 -15.52
N ALA A 141 -18.51 -8.33 -15.91
CA ALA A 141 -17.99 -9.37 -16.77
C ALA A 141 -18.03 -10.69 -16.06
N GLY A 142 -17.90 -11.74 -16.81
CA GLY A 142 -17.93 -13.07 -16.22
C GLY A 142 -19.07 -13.89 -16.74
N GLY A 143 -19.36 -14.97 -16.04
CA GLY A 143 -20.38 -15.86 -16.48
C GLY A 143 -20.59 -16.95 -15.45
N GLU A 144 -20.07 -18.13 -15.76
CA GLU A 144 -20.02 -19.17 -14.74
C GLU A 144 -18.85 -18.93 -13.78
N ASN A 145 -17.71 -18.52 -14.33
CA ASN A 145 -16.49 -18.33 -13.55
C ASN A 145 -15.60 -17.23 -14.17
N PRO A 146 -15.41 -16.07 -13.48
CA PRO A 146 -16.08 -15.68 -12.25
C PRO A 146 -17.59 -15.51 -12.48
N GLU A 147 -18.38 -15.69 -11.42
CA GLU A 147 -19.81 -15.49 -11.53
C GLU A 147 -20.08 -14.04 -11.82
N SER A 148 -20.82 -13.77 -12.90
CA SER A 148 -21.28 -12.43 -13.18
C SER A 148 -22.49 -12.12 -12.33
N PHE A 149 -22.54 -10.92 -11.79
CA PHE A 149 -23.75 -10.52 -11.04
C PHE A 149 -25.00 -10.44 -11.88
N TYR A 150 -24.86 -10.38 -13.21
CA TYR A 150 -26.06 -10.41 -14.05
C TYR A 150 -26.86 -11.70 -13.85
N ARG A 151 -26.20 -12.78 -13.44
CA ARG A 151 -26.90 -14.04 -13.20
C ARG A 151 -27.83 -14.03 -11.99
N ALA A 152 -27.74 -12.97 -11.18
CA ALA A 152 -28.66 -12.79 -10.06
C ALA A 152 -30.04 -12.30 -10.48
N PHE A 153 -30.16 -11.84 -11.72
CA PHE A 153 -31.45 -11.38 -12.24
C PHE A 153 -32.22 -12.48 -12.94
N SER A 154 -33.53 -12.42 -12.78
CA SER A 154 -34.42 -13.38 -13.45
C SER A 154 -34.33 -13.25 -14.96
N SER A 155 -34.56 -14.36 -15.64
CA SER A 155 -34.46 -14.36 -17.09
C SER A 155 -35.44 -13.40 -17.75
N ASP A 156 -36.64 -13.23 -17.20
CA ASP A 156 -37.57 -12.27 -17.81
C ASP A 156 -37.10 -10.82 -17.68
N ILE A 157 -36.49 -10.50 -16.54
CA ILE A 157 -35.94 -9.19 -16.32
C ILE A 157 -34.75 -8.95 -17.27
N LEU A 158 -33.86 -9.92 -17.44
CA LEU A 158 -32.75 -9.76 -18.38
C LEU A 158 -33.26 -9.61 -19.80
N GLU A 159 -34.25 -10.40 -20.18
CA GLU A 159 -34.87 -10.26 -21.53
C GLU A 159 -35.42 -8.86 -21.80
N SER A 160 -36.18 -8.34 -20.84
CA SER A 160 -36.76 -7.01 -20.95
C SER A 160 -35.70 -5.93 -20.88
N ALA A 161 -34.73 -6.09 -19.99
CA ALA A 161 -33.69 -5.07 -19.89
C ALA A 161 -32.84 -4.97 -21.15
N PHE A 162 -32.38 -6.11 -21.64
CA PHE A 162 -31.56 -6.16 -22.85
C PHE A 162 -32.35 -6.17 -24.17
N ASN A 163 -33.67 -6.28 -24.12
CA ASN A 163 -34.48 -6.37 -25.34
C ASN A 163 -33.96 -7.51 -26.24
N THR A 164 -33.64 -8.66 -25.61
CA THR A 164 -32.95 -9.79 -26.26
C THR A 164 -33.65 -11.05 -25.77
N GLN A 165 -33.91 -12.00 -26.65
CA GLN A 165 -34.62 -13.22 -26.24
C GLN A 165 -33.91 -13.93 -25.09
N ARG A 166 -34.68 -14.46 -24.14
CA ARG A 166 -34.11 -14.88 -22.85
C ARG A 166 -33.04 -15.93 -23.02
N ASP A 167 -33.26 -16.90 -23.89
CA ASP A 167 -32.24 -17.93 -24.08
C ASP A 167 -30.90 -17.37 -24.59
N ARG A 168 -30.92 -16.34 -25.43
CA ARG A 168 -29.72 -15.76 -25.96
C ARG A 168 -28.93 -14.94 -24.90
N ILE A 169 -29.66 -14.14 -24.14
CA ILE A 169 -29.04 -13.38 -23.07
C ILE A 169 -28.54 -14.31 -21.94
N GLU A 170 -29.30 -15.35 -21.59
CA GLU A 170 -28.83 -16.28 -20.57
C GLU A 170 -27.57 -17.02 -21.05
N ARG A 171 -27.51 -17.37 -22.34
CA ARG A 171 -26.32 -17.98 -22.93
C ARG A 171 -25.09 -17.09 -22.84
N LEU A 172 -25.25 -15.78 -23.07
CA LEU A 172 -24.15 -14.81 -22.98
CA LEU A 172 -24.12 -14.88 -23.01
C LEU A 172 -23.48 -14.93 -21.63
N PHE A 173 -24.30 -15.03 -20.59
CA PHE A 173 -23.82 -15.01 -19.22
C PHE A 173 -23.40 -16.37 -18.69
N ARG A 174 -23.33 -17.37 -19.58
CA ARG A 174 -22.80 -18.72 -19.26
C ARG A 174 -21.48 -19.07 -19.98
N GLN A 175 -21.03 -18.23 -20.90
CA GLN A 175 -19.90 -18.61 -21.74
C GLN A 175 -18.56 -18.56 -21.03
N GLN A 176 -18.37 -17.56 -20.14
CA GLN A 176 -17.09 -17.39 -19.46
C GLN A 176 -16.93 -18.35 -18.32
N LYS A 177 -15.88 -19.16 -18.43
CA LYS A 177 -15.56 -20.18 -17.44
C LYS A 177 -14.10 -20.17 -16.96
N GLN A 178 -13.30 -19.26 -17.50
CA GLN A 178 -11.85 -19.27 -17.37
C GLN A 178 -11.34 -18.54 -16.13
N GLY A 179 -12.19 -17.77 -15.46
CA GLY A 179 -11.83 -17.06 -14.24
C GLY A 179 -11.50 -15.60 -14.46
N ALA A 180 -11.09 -14.94 -13.37
CA ALA A 180 -11.11 -13.47 -13.33
C ALA A 180 -9.89 -12.80 -13.96
N ILE A 181 -8.78 -13.52 -14.09
CA ILE A 181 -7.57 -13.01 -14.72
C ILE A 181 -7.07 -14.06 -15.69
N ILE A 182 -7.07 -13.70 -16.97
CA ILE A 182 -6.92 -14.67 -18.04
C ILE A 182 -5.88 -14.19 -19.05
N LYS A 183 -5.57 -15.05 -20.01
CA LYS A 183 -4.64 -14.66 -21.06
C LYS A 183 -5.22 -13.55 -21.93
N ALA A 184 -4.35 -12.69 -22.48
N ALA A 184 -4.40 -12.50 -22.10
CA ALA A 184 -4.75 -11.73 -23.52
CA ALA A 184 -4.73 -11.40 -22.95
C ALA A 184 -3.83 -11.84 -24.76
C ALA A 184 -4.72 -11.88 -24.38
N SER A 185 -4.36 -11.74 -25.98
N SER A 185 -5.53 -11.25 -25.19
CA SER A 185 -3.50 -11.79 -27.17
CA SER A 185 -5.60 -11.62 -26.61
C SER A 185 -2.79 -10.47 -27.40
C SER A 185 -4.37 -11.13 -27.38
N GLU A 186 -1.74 -10.53 -28.22
N GLU A 186 -4.13 -11.72 -28.56
CA GLU A 186 -0.96 -9.33 -28.55
CA GLU A 186 -3.09 -11.26 -29.47
C GLU A 186 -1.89 -8.30 -29.21
C GLU A 186 -3.19 -9.79 -29.72
N GLU A 187 -2.81 -8.74 -30.05
N GLU A 187 -4.41 -9.33 -29.98
CA GLU A 187 -3.74 -7.81 -30.71
CA GLU A 187 -4.63 -7.93 -30.32
C GLU A 187 -4.74 -7.22 -29.69
C GLU A 187 -4.27 -7.03 -29.15
N GLN A 188 -5.24 -8.04 -28.77
N GLN A 188 -4.56 -7.47 -27.93
CA GLN A 188 -6.18 -7.56 -27.78
CA GLN A 188 -4.22 -6.65 -26.77
C GLN A 188 -5.52 -6.52 -26.89
C GLN A 188 -2.71 -6.56 -26.64
N ILE A 189 -4.26 -6.76 -26.57
N ILE A 189 -2.04 -7.68 -26.83
CA ILE A 189 -3.47 -5.87 -25.73
CA ILE A 189 -0.59 -7.76 -26.70
C ILE A 189 -3.32 -4.51 -26.39
C ILE A 189 0.13 -6.91 -27.75
N ARG A 190 -2.98 -4.56 -27.67
N ARG A 190 -0.27 -7.02 -29.01
CA ARG A 190 -2.88 -3.36 -28.47
CA ARG A 190 0.38 -6.24 -30.07
C ARG A 190 -4.15 -2.56 -28.47
C ARG A 190 0.09 -4.75 -29.89
N ALA A 191 -5.27 -3.24 -28.76
CA ALA A 191 -6.57 -2.60 -28.88
C ALA A 191 -6.98 -1.96 -27.58
N ILE A 192 -6.95 -2.75 -26.50
CA ILE A 192 -7.44 -2.26 -25.22
C ILE A 192 -6.67 -1.05 -24.66
N SER A 193 -5.37 -0.99 -24.92
CA SER A 193 -4.54 0.06 -24.36
C SER A 193 -4.27 1.17 -25.38
N GLU A 194 -4.92 1.11 -26.53
CA GLU A 194 -4.66 2.05 -27.62
C GLU A 194 -4.85 3.53 -27.29
N HIS A 195 -5.78 3.86 -26.41
CA HIS A 195 -6.06 5.25 -26.06
C HIS A 195 -5.59 5.63 -24.68
N ALA A 196 -4.75 4.80 -24.08
CA ALA A 196 -4.33 5.04 -22.74
C ALA A 196 -3.21 6.07 -22.68
N SER A 197 -3.23 6.87 -21.61
CA SER A 197 -2.29 7.98 -21.46
C SER A 197 -1.38 7.79 -20.24
N ARG A 206 -13.40 14.30 -12.69
CA ARG A 206 -13.71 13.27 -11.67
C ARG A 206 -12.60 12.23 -11.49
N THR A 207 -12.24 11.56 -12.57
CA THR A 207 -11.16 10.59 -12.51
C THR A 207 -9.96 11.15 -13.23
N GLN A 208 -8.96 11.50 -12.43
CA GLN A 208 -7.72 12.04 -12.92
C GLN A 208 -6.72 10.91 -13.05
N GLY A 209 -5.69 11.19 -13.80
CA GLY A 209 -4.65 10.22 -14.04
C GLY A 209 -3.72 10.02 -12.85
N PRO A 210 -2.79 9.09 -13.02
CA PRO A 210 -1.84 8.82 -11.96
C PRO A 210 -0.87 9.96 -11.80
N PHE A 211 -0.24 9.98 -10.63
CA PHE A 211 0.90 10.79 -10.34
C PHE A 211 2.04 9.94 -9.83
N ASN A 212 3.25 10.46 -9.87
CA ASN A 212 4.47 9.69 -9.60
C ASN A 212 5.54 10.64 -9.07
N LEU A 213 6.08 10.33 -7.90
CA LEU A 213 7.05 11.22 -7.26
CA LEU A 213 7.05 11.16 -7.20
C LEU A 213 8.47 10.66 -7.31
N MET A 214 8.68 9.57 -8.06
N MET A 214 8.72 9.55 -7.99
CA MET A 214 9.94 8.81 -8.03
CA MET A 214 10.01 8.87 -7.77
C MET A 214 11.15 9.68 -8.35
C MET A 214 11.20 9.58 -8.47
N LYS A 215 10.95 10.63 -9.26
CA LYS A 215 12.06 11.50 -9.77
C LYS A 215 12.31 12.78 -8.93
N GLU A 216 11.47 13.00 -7.93
CA GLU A 216 11.58 14.18 -7.07
C GLU A 216 12.65 13.96 -6.03
N ARG A 217 13.12 15.07 -5.46
CA ARG A 217 14.03 15.03 -4.32
C ARG A 217 13.26 14.43 -3.13
N PRO A 218 13.91 13.55 -2.35
CA PRO A 218 13.19 13.01 -1.19
C PRO A 218 12.83 14.11 -0.17
N GLN A 219 11.76 13.94 0.59
CA GLN A 219 11.52 14.80 1.74
C GLN A 219 12.64 14.73 2.74
N PHE A 220 13.04 13.48 3.08
N PHE A 220 13.13 13.54 3.01
CA PHE A 220 14.13 13.16 4.04
CA PHE A 220 14.33 13.48 3.75
C PHE A 220 15.06 12.21 3.29
C PHE A 220 15.08 12.26 3.34
N GLY A 221 16.38 12.45 3.28
CA GLY A 221 17.24 11.49 2.71
C GLY A 221 18.63 11.69 3.16
N SER A 222 19.39 10.63 2.97
CA SER A 222 20.82 10.64 3.20
C SER A 222 21.45 9.56 2.36
N ARG A 223 22.76 9.35 2.51
CA ARG A 223 23.35 8.30 1.72
C ARG A 223 22.87 6.89 2.10
N PHE A 224 22.14 6.76 3.21
CA PHE A 224 21.62 5.46 3.63
C PHE A 224 20.14 5.24 3.40
N GLY A 225 19.43 6.21 2.85
CA GLY A 225 18.02 5.99 2.56
C GLY A 225 17.27 7.20 2.12
N GLN A 226 16.01 6.98 1.73
CA GLN A 226 15.18 8.01 1.13
CA GLN A 226 15.19 8.09 1.29
C GLN A 226 13.73 7.86 1.62
N PHE A 227 13.06 8.97 1.89
CA PHE A 227 11.63 8.97 2.16
C PHE A 227 10.99 10.03 1.28
N ILE A 228 9.94 9.65 0.55
CA ILE A 228 9.08 10.67 -0.03
C ILE A 228 7.64 10.25 0.04
N GLU A 229 6.78 11.24 0.12
CA GLU A 229 5.41 11.01 0.36
C GLU A 229 4.53 11.89 -0.47
N ALA A 230 3.44 11.30 -0.92
CA ALA A 230 2.32 12.00 -1.50
C ALA A 230 1.31 12.26 -0.38
N SER A 231 1.20 13.51 0.02
CA SER A 231 0.33 13.96 1.11
CA SER A 231 0.36 13.94 1.11
C SER A 231 -0.94 14.54 0.57
N PRO A 232 -2.03 14.47 1.35
CA PRO A 232 -3.25 15.16 0.93
C PRO A 232 -3.12 16.67 0.92
N GLU A 233 -2.14 17.22 1.64
CA GLU A 233 -1.89 18.67 1.56
C GLU A 233 -1.58 19.06 0.12
N ARG A 234 -0.78 18.24 -0.55
CA ARG A 234 -0.38 18.48 -1.93
C ARG A 234 -1.27 17.94 -3.02
N PHE A 235 -1.83 16.75 -2.79
CA PHE A 235 -2.56 16.01 -3.79
C PHE A 235 -4.02 15.97 -3.41
N GLU A 236 -4.82 16.80 -4.06
CA GLU A 236 -6.23 16.94 -3.71
C GLU A 236 -6.98 15.59 -3.84
N GLN A 237 -6.54 14.76 -4.77
CA GLN A 237 -7.03 13.39 -5.02
CA GLN A 237 -7.27 13.49 -4.94
C GLN A 237 -7.11 12.55 -3.76
N LEU A 238 -6.21 12.84 -2.83
CA LEU A 238 -6.09 12.05 -1.58
C LEU A 238 -6.88 12.62 -0.40
N ARG A 239 -7.47 13.81 -0.56
CA ARG A 239 -8.08 14.52 0.58
C ARG A 239 -9.33 13.84 1.13
N ASP A 240 -10.16 13.30 0.24
CA ASP A 240 -11.41 12.66 0.67
C ASP A 240 -11.20 11.47 1.61
N LEU A 241 -10.22 10.63 1.30
CA LEU A 241 -9.83 9.53 2.14
C LEU A 241 -8.95 9.98 3.31
N ASP A 242 -8.37 11.17 3.22
CA ASP A 242 -7.39 11.69 4.15
C ASP A 242 -6.24 10.72 4.29
N ALA A 243 -5.72 10.32 3.15
CA ALA A 243 -4.67 9.32 3.04
C ALA A 243 -3.39 9.89 2.46
N ALA A 244 -2.28 9.27 2.77
CA ALA A 244 -1.00 9.52 2.15
C ALA A 244 -0.46 8.24 1.58
N VAL A 245 0.48 8.39 0.65
CA VAL A 245 1.24 7.26 0.13
C VAL A 245 2.71 7.59 0.30
N ALA A 246 3.41 6.78 1.06
CA ALA A 246 4.78 7.02 1.42
C ALA A 246 5.62 5.91 0.75
N PHE A 247 6.79 6.30 0.31
CA PHE A 247 7.80 5.41 -0.24
C PHE A 247 9.08 5.54 0.56
N MET A 248 9.52 4.46 1.19
CA MET A 248 10.74 4.50 1.99
C MET A 248 11.67 3.43 1.47
N ASN A 249 12.91 3.85 1.23
CA ASN A 249 13.97 2.96 0.86
C ASN A 249 15.12 3.12 1.85
N ILE A 250 15.56 2.00 2.40
CA ILE A 250 16.72 1.96 3.26
C ILE A 250 17.80 1.15 2.51
N ASN A 251 18.93 1.79 2.27
CA ASN A 251 19.99 1.12 1.55
C ASN A 251 20.56 -0.05 2.34
N GLN A 252 21.16 -1.01 1.63
CA GLN A 252 21.71 -2.18 2.35
C GLN A 252 22.68 -1.69 3.39
N GLY A 253 22.62 -2.30 4.56
CA GLY A 253 23.46 -1.91 5.67
C GLY A 253 23.00 -0.63 6.37
N GLY A 254 21.83 -0.12 6.01
CA GLY A 254 21.32 1.08 6.63
C GLY A 254 20.24 0.85 7.63
N MET A 255 19.84 1.94 8.28
CA MET A 255 18.68 1.97 9.17
C MET A 255 18.03 3.32 9.06
N VAL A 256 16.73 3.37 9.32
CA VAL A 256 16.06 4.65 9.55
C VAL A 256 16.17 4.94 11.03
N LEU A 257 16.61 6.14 11.37
CA LEU A 257 16.70 6.51 12.77
C LEU A 257 15.31 6.44 13.44
N PRO A 258 15.26 6.10 14.74
CA PRO A 258 13.96 6.04 15.39
C PRO A 258 13.16 7.33 15.18
N TYR A 259 11.88 7.16 14.88
CA TYR A 259 11.00 8.29 14.69
C TYR A 259 9.58 7.91 15.06
N TYR A 260 8.69 8.88 15.10
CA TYR A 260 7.26 8.59 15.17
C TYR A 260 6.47 9.54 14.28
N ASN A 261 5.29 9.09 13.88
CA ASN A 261 4.32 9.92 13.16
C ASN A 261 3.39 10.58 14.17
N SER A 262 3.18 11.88 14.02
CA SER A 262 2.39 12.63 14.97
C SER A 262 0.95 12.21 15.09
N ARG A 263 0.29 11.95 13.95
CA ARG A 263 -1.13 11.58 13.96
C ARG A 263 -1.57 10.46 13.04
N SER A 264 -0.73 10.10 12.06
CA SER A 264 -1.11 9.17 11.05
C SER A 264 -0.67 7.76 11.37
N THR A 265 -1.62 6.84 11.31
CA THR A 265 -1.31 5.42 11.38
C THR A 265 -0.86 4.97 10.00
N ARG A 266 0.19 4.15 9.95
CA ARG A 266 0.77 3.69 8.69
C ARG A 266 0.58 2.22 8.49
N VAL A 267 0.18 1.85 7.28
CA VAL A 267 0.08 0.44 6.90
C VAL A 267 1.16 0.19 5.88
N VAL A 268 2.25 -0.42 6.35
CA VAL A 268 3.51 -0.52 5.61
C VAL A 268 3.63 -1.88 4.97
N MET A 269 3.80 -1.94 3.66
CA MET A 269 4.07 -3.26 3.00
CA MET A 269 3.91 -3.18 2.90
C MET A 269 5.38 -3.30 2.32
N VAL A 270 6.05 -4.40 2.58
CA VAL A 270 7.42 -4.58 2.09
C VAL A 270 7.37 -4.98 0.63
N VAL A 271 8.12 -4.25 -0.18
CA VAL A 271 8.23 -4.52 -1.62
C VAL A 271 9.56 -5.18 -2.01
N GLU A 272 10.65 -4.87 -1.29
CA GLU A 272 12.00 -5.39 -1.57
CA GLU A 272 11.98 -5.42 -1.58
C GLU A 272 12.73 -5.58 -0.28
N GLY A 273 13.47 -6.70 -0.17
CA GLY A 273 14.38 -6.86 0.94
C GLY A 273 13.77 -7.32 2.23
N ASN A 274 14.57 -7.15 3.30
CA ASN A 274 14.26 -7.62 4.64
C ASN A 274 14.71 -6.58 5.64
N ALA A 275 13.99 -6.51 6.74
CA ALA A 275 14.38 -5.67 7.85
C ALA A 275 13.99 -6.23 9.20
N ARG A 276 14.72 -5.79 10.20
CA ARG A 276 14.39 -5.95 11.62
C ARG A 276 13.68 -4.66 12.00
N PHE A 277 12.56 -4.74 12.72
CA PHE A 277 11.94 -3.57 13.29
C PHE A 277 11.90 -3.62 14.78
N GLU A 278 11.89 -2.47 15.42
CA GLU A 278 11.63 -2.35 16.86
C GLU A 278 10.70 -1.17 17.04
N MET A 279 9.62 -1.35 17.77
CA MET A 279 8.61 -0.37 18.06
C MET A 279 8.46 -0.30 19.58
N ALA A 280 8.12 0.87 20.10
CA ALA A 280 7.79 1.08 21.51
C ALA A 280 6.29 1.22 21.63
N CYS A 281 5.63 0.31 22.35
CA CYS A 281 4.16 0.37 22.47
C CYS A 281 3.73 0.47 23.92
N PRO A 282 3.01 1.52 24.34
N PRO A 282 2.99 1.53 24.28
CA PRO A 282 2.57 1.49 25.75
CA PRO A 282 2.67 1.85 25.66
C PRO A 282 1.33 0.66 26.04
C PRO A 282 1.64 0.90 26.25
N HIS A 283 0.59 0.33 24.98
CA HIS A 283 -0.66 -0.46 25.08
C HIS A 283 -0.40 -1.88 25.52
N LEU A 284 0.51 -2.55 24.84
CA LEU A 284 0.89 -3.91 25.15
C LEU A 284 1.78 -3.91 26.40
N GLY A 285 2.29 -2.74 26.78
CA GLY A 285 3.13 -2.60 27.96
C GLY A 285 2.31 -2.62 29.23
N GLY A 302 -1.74 1.62 36.79
CA GLY A 302 -0.32 1.46 36.48
C GLY A 302 0.26 2.58 35.67
N GLU A 303 1.37 3.07 36.12
CA GLU A 303 2.36 3.87 35.33
C GLU A 303 2.74 3.26 33.98
N VAL A 304 3.14 4.12 33.05
CA VAL A 304 3.43 3.63 31.72
C VAL A 304 4.74 2.77 31.61
N HIS A 305 4.63 1.76 30.79
CA HIS A 305 5.72 0.90 30.39
C HIS A 305 5.58 0.76 28.90
N TYR A 306 6.71 0.76 28.20
CA TYR A 306 6.72 0.59 26.74
C TYR A 306 7.17 -0.83 26.43
N GLN A 307 6.26 -1.61 25.84
CA GLN A 307 6.54 -2.96 25.40
C GLN A 307 7.47 -2.90 24.22
N LYS A 308 8.44 -3.80 24.21
CA LYS A 308 9.36 -3.95 23.10
C LYS A 308 8.70 -4.81 22.04
N VAL A 309 8.16 -4.18 20.99
CA VAL A 309 7.47 -4.86 19.93
C VAL A 309 8.42 -5.01 18.75
N ARG A 310 8.80 -6.23 18.44
CA ARG A 310 9.88 -6.51 17.52
C ARG A 310 9.56 -7.64 16.59
N GLY A 311 10.25 -7.61 15.47
CA GLY A 311 10.15 -8.64 14.50
C GLY A 311 11.00 -8.43 13.29
N ASN A 312 10.74 -9.29 12.33
CA ASN A 312 11.37 -9.24 11.04
C ASN A 312 10.30 -9.14 9.99
N LEU A 313 10.62 -8.35 8.97
CA LEU A 313 9.76 -8.15 7.84
C LEU A 313 10.38 -8.62 6.54
N ASN A 314 9.57 -9.32 5.75
CA ASN A 314 9.95 -9.86 4.46
C ASN A 314 8.99 -9.33 3.40
N VAL A 315 9.36 -9.55 2.15
CA VAL A 315 8.56 -9.11 1.03
C VAL A 315 7.11 -9.60 1.17
N GLY A 316 6.16 -8.65 1.04
CA GLY A 316 4.73 -8.93 1.09
C GLY A 316 4.12 -8.87 2.49
N ASP A 317 4.96 -8.76 3.52
CA ASP A 317 4.49 -8.59 4.88
C ASP A 317 4.01 -7.17 5.10
N VAL A 318 3.10 -7.02 6.03
CA VAL A 318 2.58 -5.74 6.48
C VAL A 318 2.87 -5.48 7.95
N LEU A 319 3.25 -4.24 8.26
CA LEU A 319 3.30 -3.77 9.62
C LEU A 319 2.41 -2.56 9.75
N VAL A 320 1.56 -2.52 10.75
CA VAL A 320 0.79 -1.35 11.07
C VAL A 320 1.57 -0.58 12.16
N ILE A 321 1.86 0.68 11.89
CA ILE A 321 2.52 1.54 12.87
C ILE A 321 1.45 2.50 13.40
N PRO A 322 0.94 2.30 14.62
CA PRO A 322 -0.02 3.27 15.13
C PRO A 322 0.64 4.66 15.31
N ALA A 323 -0.19 5.71 15.24
CA ALA A 323 0.30 7.03 15.44
C ALA A 323 0.96 7.20 16.82
N GLY A 324 2.04 7.98 16.87
CA GLY A 324 2.72 8.30 18.10
C GLY A 324 3.72 7.26 18.55
N HIS A 325 3.73 6.10 17.91
CA HIS A 325 4.58 5.01 18.36
C HIS A 325 5.97 5.12 17.77
N PRO A 326 7.00 5.22 18.61
CA PRO A 326 8.38 5.22 18.13
C PRO A 326 8.69 3.92 17.40
N ILE A 327 9.38 4.02 16.27
CA ILE A 327 9.72 2.89 15.43
C ILE A 327 11.06 3.09 14.77
N THR A 328 11.74 1.99 14.50
CA THR A 328 12.95 1.95 13.68
C THR A 328 12.91 0.69 12.84
N PHE A 329 13.53 0.78 11.68
CA PHE A 329 13.75 -0.35 10.77
C PHE A 329 15.23 -0.41 10.45
N ILE A 330 15.78 -1.62 10.44
CA ILE A 330 17.18 -1.88 10.18
C ILE A 330 17.20 -2.89 9.01
N ALA A 331 17.71 -2.46 7.87
CA ALA A 331 17.88 -3.31 6.71
C ALA A 331 18.84 -4.42 7.01
N THR A 332 18.48 -5.61 6.59
N THR A 332 18.51 -5.63 6.54
CA THR A 332 19.32 -6.74 6.90
CA THR A 332 19.30 -6.82 6.83
C THR A 332 19.94 -7.20 5.59
C THR A 332 19.47 -7.63 5.56
N GLY A 333 21.16 -6.62 5.41
N GLY A 333 20.49 -8.47 5.56
CA GLY A 333 22.31 -6.97 4.53
CA GLY A 333 20.82 -9.28 4.36
C GLY A 333 22.46 -7.13 3.03
C GLY A 333 21.42 -8.43 3.26
N GLY A 334 21.76 -8.08 2.44
N GLY A 334 21.61 -9.01 2.09
CA GLY A 334 22.01 -8.38 1.05
CA GLY A 334 22.20 -8.22 1.00
C GLY A 334 21.19 -7.62 0.04
C GLY A 334 21.23 -7.57 0.03
N SER A 335 20.42 -6.65 0.51
CA SER A 335 19.48 -5.94 -0.34
C SER A 335 19.14 -4.62 0.36
N ASN A 336 18.81 -3.63 -0.43
CA ASN A 336 18.04 -2.51 0.09
CA ASN A 336 18.01 -2.49 0.01
C ASN A 336 16.71 -3.07 0.63
N PHE A 337 16.08 -2.31 1.53
CA PHE A 337 14.78 -2.62 2.08
C PHE A 337 13.83 -1.50 1.63
N ARG A 338 12.86 -1.86 0.83
CA ARG A 338 11.91 -0.90 0.27
CA ARG A 338 11.92 -0.90 0.23
C ARG A 338 10.48 -1.23 0.63
N VAL A 339 9.78 -0.18 1.07
CA VAL A 339 8.36 -0.32 1.52
C VAL A 339 7.51 0.75 0.89
N VAL A 340 6.22 0.45 0.78
CA VAL A 340 5.21 1.42 0.48
C VAL A 340 4.33 1.48 1.70
N GLY A 341 4.07 2.67 2.18
CA GLY A 341 3.20 2.86 3.36
C GLY A 341 1.96 3.67 3.00
N PHE A 342 0.80 3.19 3.36
CA PHE A 342 -0.39 3.98 3.32
C PHE A 342 -0.57 4.67 4.65
N GLY A 343 -0.79 5.96 4.62
CA GLY A 343 -1.07 6.74 5.81
C GLY A 343 -2.55 7.06 5.94
N ILE A 344 -3.10 6.77 7.11
CA ILE A 344 -4.49 7.00 7.42
C ILE A 344 -4.47 8.22 8.38
N ASN A 345 -5.50 9.09 8.33
CA ASN A 345 -5.49 10.33 9.12
C ASN A 345 -4.25 11.18 8.74
N ALA A 346 -4.00 11.34 7.44
CA ALA A 346 -2.72 11.86 7.00
C ALA A 346 -2.57 13.40 7.07
N MET A 347 -3.64 14.16 6.86
CA MET A 347 -3.48 15.59 6.87
C MET A 347 -2.94 16.02 8.23
N PHE A 348 -1.97 16.92 8.18
CA PHE A 348 -1.32 17.51 9.36
C PHE A 348 -0.31 16.57 10.03
N ASN A 349 -0.13 15.36 9.48
CA ASN A 349 0.89 14.46 10.04
C ASN A 349 2.29 15.01 9.84
N ARG A 350 3.12 14.86 10.88
CA ARG A 350 4.52 15.17 10.77
CA ARG A 350 4.52 15.23 10.88
C ARG A 350 5.36 14.03 11.34
N LYS A 351 6.50 13.80 10.69
CA LYS A 351 7.53 12.89 11.15
C LYS A 351 8.36 13.59 12.21
N ASN A 352 8.58 12.93 13.32
CA ASN A 352 9.38 13.41 14.43
CA ASN A 352 9.39 13.45 14.39
C ASN A 352 10.51 12.45 14.66
N PHE A 353 11.74 12.83 14.31
CA PHE A 353 12.89 11.98 14.50
C PHE A 353 13.41 12.13 15.91
N LEU A 354 13.89 11.00 16.45
CA LEU A 354 14.26 10.88 17.85
C LEU A 354 15.78 10.82 18.08
N ALA A 355 16.54 10.82 17.00
CA ALA A 355 18.03 10.87 17.04
C ALA A 355 18.47 11.42 15.70
N GLY A 356 19.73 11.80 15.61
CA GLY A 356 20.26 12.37 14.38
C GLY A 356 20.38 13.87 14.48
N ARG A 357 21.09 14.46 13.52
CA ARG A 357 21.34 15.90 13.56
C ARG A 357 20.03 16.69 13.60
N GLU A 358 19.08 16.31 12.75
CA GLU A 358 17.73 16.87 12.78
C GLU A 358 16.82 15.96 13.57
N ASN A 359 16.45 16.39 14.77
CA ASN A 359 15.57 15.61 15.62
C ASN A 359 14.84 16.51 16.59
N ILE A 360 13.86 16.00 17.33
CA ILE A 360 13.08 16.84 18.20
C ILE A 360 13.88 17.55 19.27
N TRP A 361 14.98 16.93 19.72
CA TRP A 361 15.77 17.51 20.81
C TRP A 361 16.50 18.77 20.39
N ARG A 362 16.63 18.98 19.08
CA ARG A 362 17.17 20.26 18.56
CA ARG A 362 17.20 20.22 18.66
C ARG A 362 16.34 21.44 19.04
N ASN A 363 15.07 21.18 19.31
CA ASN A 363 14.08 22.21 19.68
C ASN A 363 13.69 22.15 21.14
N ILE A 364 14.58 21.55 21.96
CA ILE A 364 14.41 21.49 23.41
C ILE A 364 15.64 22.17 24.02
N ASP A 365 15.42 23.06 24.98
CA ASP A 365 16.51 23.85 25.61
CA ASP A 365 16.52 23.82 25.55
C ASP A 365 17.42 23.00 26.46
N ARG A 366 18.62 23.51 26.68
CA ARG A 366 19.62 22.82 27.47
C ARG A 366 19.18 22.51 28.89
N GLU A 367 18.56 23.47 29.54
CA GLU A 367 18.08 23.27 30.90
CA GLU A 367 18.11 23.25 30.91
C GLU A 367 16.98 22.16 31.01
N ALA A 368 16.11 22.13 29.99
CA ALA A 368 15.11 21.08 29.91
C ALA A 368 15.75 19.73 29.67
N LYS A 369 16.84 19.67 28.91
CA LYS A 369 17.56 18.39 28.74
C LYS A 369 18.17 17.95 30.05
N GLU A 370 18.76 18.88 30.79
CA GLU A 370 19.35 18.57 32.08
C GLU A 370 18.30 17.98 33.03
N LEU A 371 17.14 18.61 33.08
CA LEU A 371 16.05 18.11 33.95
C LEU A 371 15.49 16.77 33.46
N SER A 372 15.46 16.59 32.15
CA SER A 372 14.93 15.38 31.54
C SER A 372 15.68 14.14 31.97
N PHE A 373 17.01 14.25 31.99
CA PHE A 373 17.87 13.07 32.19
C PHE A 373 18.71 13.09 33.45
N ASN A 374 18.51 14.08 34.30
CA ASN A 374 19.25 14.18 35.58
C ASN A 374 20.75 14.07 35.31
N MET A 375 21.21 14.85 34.34
CA MET A 375 22.63 14.96 34.08
C MET A 375 22.91 16.31 33.47
N PRO A 376 24.18 16.75 33.54
CA PRO A 376 24.46 18.10 33.10
C PRO A 376 24.00 18.35 31.65
N GLY A 377 23.32 19.46 31.42
CA GLY A 377 22.76 19.77 30.12
C GLY A 377 23.76 19.74 29.00
N ARG A 378 24.98 20.25 29.23
CA ARG A 378 25.99 20.24 28.20
C ARG A 378 26.41 18.82 27.84
N GLU A 379 26.34 17.91 28.81
CA GLU A 379 26.70 16.53 28.55
C GLU A 379 25.61 15.81 27.74
N VAL A 380 24.36 16.09 28.06
CA VAL A 380 23.27 15.57 27.26
C VAL A 380 23.41 16.05 25.83
N GLU A 381 23.68 17.35 25.68
CA GLU A 381 23.83 17.93 24.34
C GLU A 381 24.99 17.32 23.58
N GLU A 382 26.10 17.11 24.26
CA GLU A 382 27.24 16.46 23.61
C GLU A 382 26.83 15.09 23.06
N ILE A 383 26.10 14.29 23.85
CA ILE A 383 25.73 12.96 23.42
C ILE A 383 24.78 13.04 22.24
N PHE A 384 23.82 13.95 22.31
CA PHE A 384 22.83 14.10 21.25
CA PHE A 384 22.82 14.14 21.25
C PHE A 384 23.35 14.70 19.90
N GLN A 385 24.53 15.30 19.97
CA GLN A 385 25.19 15.86 18.79
C GLN A 385 26.24 14.93 18.19
N LYS A 386 26.49 13.78 18.80
CA LYS A 386 27.47 12.85 18.27
C LYS A 386 27.08 12.33 16.90
N GLN A 387 25.78 12.15 16.66
CA GLN A 387 25.29 11.70 15.36
C GLN A 387 25.17 12.90 14.45
N ASP A 388 26.13 13.04 13.55
CA ASP A 388 26.27 14.12 12.59
CA ASP A 388 26.20 14.17 12.64
C ASP A 388 25.30 14.00 11.42
N GLN A 389 24.76 12.80 11.22
CA GLN A 389 23.88 12.50 10.07
CA GLN A 389 23.90 12.50 10.08
C GLN A 389 22.43 12.53 10.53
N SER A 390 21.54 12.64 9.55
CA SER A 390 20.09 12.65 9.82
C SER A 390 19.38 11.60 9.03
N TYR A 391 18.26 11.15 9.61
CA TYR A 391 17.21 10.37 8.93
C TYR A 391 17.54 8.92 8.70
N PHE A 392 18.63 8.66 7.96
CA PHE A 392 19.10 7.28 7.73
C PHE A 392 20.59 7.23 7.91
N VAL A 393 21.04 6.18 8.60
CA VAL A 393 22.46 6.02 8.92
C VAL A 393 22.87 4.55 8.78
N ALA A 394 24.16 4.27 8.94
CA ALA A 394 24.59 2.88 8.95
C ALA A 394 23.94 2.15 10.13
N GLY A 395 23.48 0.94 9.86
CA GLY A 395 22.92 0.08 10.89
C GLY A 395 24.03 -0.58 11.67
N PRO A 396 23.66 -1.30 12.75
CA PRO A 396 24.63 -2.00 13.57
C PRO A 396 25.38 -3.05 12.76
N GLU A 397 26.64 -3.29 13.09
CA GLU A 397 27.44 -4.36 12.43
C GLU A 397 26.73 -5.72 12.39
N HIS A 398 26.04 -6.02 13.49
CA HIS A 398 25.22 -7.21 13.65
C HIS A 398 26.04 -8.47 13.77
NA NA B . -3.47 -17.35 -9.42
C ACT C . 6.02 5.93 7.50
O ACT C . 5.48 6.87 6.84
OXT ACT C . 6.18 6.02 8.73
CH3 ACT C . 6.52 4.66 6.83
CU CU D . 0.71 1.08 21.49
C1 PEG E . 28.12 0.69 5.69
O1 PEG E . 28.72 1.68 6.54
C2 PEG E . 27.93 -0.58 6.49
O2 PEG E . 26.64 -0.59 7.13
C3 PEG E . 26.60 -1.24 8.40
C4 PEG E . 26.82 -2.75 8.27
O4 PEG E . 28.21 -3.14 8.30
C1 MLI F . 20.51 27.77 24.89
C2 MLI F . 20.80 29.08 25.56
C3 MLI F . 19.66 26.89 25.76
O6 MLI F . 21.71 29.12 26.44
O7 MLI F . 20.15 30.08 25.20
O8 MLI F . 19.16 25.90 25.19
O9 MLI F . 19.50 27.17 26.96
#